data_7PZU
#
_entry.id   7PZU
#
_cell.length_a   35.900
_cell.length_b   67.040
_cell.length_c   63.000
_cell.angle_alpha   90.00
_cell.angle_beta   90.21
_cell.angle_gamma   90.00
#
_symmetry.space_group_name_H-M   'P 1 21 1'
#
loop_
_entity.id
_entity.type
_entity.pdbx_description
1 polymer 'UDP-3-O-acyl-N-acetylglucosamine deacetylase'
2 non-polymer 'ZINC ION'
3 non-polymer (2S,4S)-N-((3R,5R)-1-(cyclopropanecarbonyl)-5-((3-fluoro-4-((4-(morpholinomethyl)phenyl)ethynyl)benzamido)methyl)pyrrolidin-3-yl)-4-fluoropyrrolidine-2-carboxamide
4 water water
#
_entity_poly.entity_id   1
_entity_poly.type   'polypeptide(L)'
_entity_poly.pdbx_seq_one_letter_code
;HHHHHHENLYFQSMIKQRTLKNIIRATGVGLHSGEKVYLTLKPAPVDTGIVFSRTDLDPVVEIPARAENVGETTMSTTLV
KGDVKVDTVEHLLSAMAGLGIDNAYVELSASEVPIMDGSAGPFVFLIQSAGLQEQEAAKKFIRIKREVSVEEGDKRAVFV
PFDGFKVSFEIDFDHPVFRGRTQQASVDFSSTSFVKEVSRARTFGFMRDIEYLRSQNLALGGSVENAIVVDENRVLNEDG
LRYEDEFVKHKILDAIGDLYLLGNSLIGEFRGFKSGHALNNQLLRTLIADKDAWEVVTFEDARTAPISYMRP
;
_entity_poly.pdbx_strand_id   A
#
loop_
_chem_comp.id
_chem_comp.type
_chem_comp.name
_chem_comp.formula
99I non-polymer (2S,4S)-N-((3R,5R)-1-(cyclopropanecarbonyl)-5-((3-fluoro-4-((4-(morpholinomethyl)phenyl)ethynyl)benzamido)methyl)pyrrolidin-3-yl)-4-fluoropyrrolidine-2-carboxamide 'C34 H39 F2 N5 O4'
ZN non-polymer 'ZINC ION' 'Zn 2'
#
# COMPACT_ATOMS: atom_id res chain seq x y z
N MET A 14 14.39 -20.80 -9.52
CA MET A 14 14.14 -20.39 -8.09
C MET A 14 13.73 -18.92 -8.06
N ILE A 15 12.63 -18.60 -7.39
CA ILE A 15 12.13 -17.19 -7.30
C ILE A 15 12.97 -16.47 -6.25
N LYS A 16 13.67 -15.41 -6.68
CA LYS A 16 14.71 -14.72 -5.90
C LYS A 16 14.12 -13.45 -5.27
N GLN A 17 14.74 -13.04 -4.17
CA GLN A 17 14.48 -11.74 -3.53
C GLN A 17 14.85 -10.65 -4.53
N ARG A 18 14.19 -9.49 -4.43
CA ARG A 18 14.53 -8.31 -5.24
C ARG A 18 14.77 -7.10 -4.35
N THR A 19 15.71 -6.25 -4.80
CA THR A 19 15.95 -4.87 -4.31
C THR A 19 15.95 -3.94 -5.53
N LEU A 20 16.18 -2.66 -5.31
CA LEU A 20 16.39 -1.64 -6.38
C LEU A 20 17.78 -1.81 -7.03
N LYS A 21 17.86 -1.60 -8.34
CA LYS A 21 19.11 -1.63 -9.12
C LYS A 21 19.91 -0.35 -8.83
N ASN A 22 19.19 0.76 -8.66
CA ASN A 22 19.75 2.13 -8.49
C ASN A 22 18.89 2.86 -7.47
N ILE A 23 19.46 3.89 -6.85
CA ILE A 23 18.75 4.81 -5.91
C ILE A 23 17.73 5.63 -6.70
N ILE A 24 16.55 5.88 -6.13
CA ILE A 24 15.47 6.77 -6.64
C ILE A 24 15.39 7.95 -5.69
N ARG A 25 15.31 9.17 -6.24
CA ARG A 25 15.03 10.43 -5.49
C ARG A 25 13.75 11.04 -6.05
N ALA A 26 12.84 11.42 -5.16
CA ALA A 26 11.58 12.13 -5.48
C ALA A 26 11.30 13.20 -4.42
N THR A 27 10.54 14.20 -4.81
CA THR A 27 10.13 15.36 -3.98
C THR A 27 8.61 15.46 -4.05
N GLY A 28 7.98 15.94 -2.98
CA GLY A 28 6.52 16.00 -2.94
C GLY A 28 6.04 16.66 -1.67
N VAL A 29 4.74 16.51 -1.42
CA VAL A 29 4.05 17.11 -0.26
CA VAL A 29 3.99 17.13 -0.30
C VAL A 29 3.29 16.01 0.50
N GLY A 30 3.31 16.09 1.82
CA GLY A 30 2.44 15.25 2.68
C GLY A 30 0.97 15.65 2.48
N LEU A 31 0.10 14.67 2.23
CA LEU A 31 -1.37 14.89 2.09
C LEU A 31 -1.87 15.68 3.30
N HIS A 32 -1.51 15.22 4.50
CA HIS A 32 -2.09 15.72 5.77
C HIS A 32 -1.26 16.90 6.27
N SER A 33 0.06 16.78 6.26
CA SER A 33 0.98 17.77 6.87
C SER A 33 1.16 18.98 5.96
N GLY A 34 1.02 18.82 4.64
CA GLY A 34 1.28 19.89 3.67
C GLY A 34 2.77 20.17 3.58
N GLU A 35 3.59 19.36 4.24
CA GLU A 35 5.05 19.57 4.32
C GLU A 35 5.74 19.03 3.07
N LYS A 36 6.62 19.84 2.48
CA LYS A 36 7.58 19.43 1.44
C LYS A 36 8.51 18.35 2.04
N VAL A 37 8.69 17.26 1.30
CA VAL A 37 9.41 16.05 1.77
C VAL A 37 10.27 15.52 0.61
N TYR A 38 11.55 15.26 0.90
CA TYR A 38 12.52 14.63 -0.03
C TYR A 38 12.53 13.15 0.32
N LEU A 39 12.30 12.30 -0.69
CA LEU A 39 12.19 10.83 -0.57
C LEU A 39 13.39 10.21 -1.32
N THR A 40 14.11 9.30 -0.68
CA THR A 40 15.18 8.48 -1.32
C THR A 40 14.91 7.00 -1.06
N LEU A 41 14.78 6.19 -2.13
CA LEU A 41 14.67 4.72 -2.08
C LEU A 41 16.05 4.14 -2.40
N LYS A 42 16.60 3.33 -1.50
CA LYS A 42 17.95 2.74 -1.67
C LYS A 42 17.83 1.21 -1.74
N PRO A 43 18.70 0.54 -2.51
CA PRO A 43 18.86 -0.91 -2.37
C PRO A 43 19.13 -1.29 -0.90
N ALA A 44 18.76 -2.51 -0.54
CA ALA A 44 19.05 -3.09 0.78
C ALA A 44 19.46 -4.54 0.60
N PRO A 45 20.31 -5.07 1.51
CA PRO A 45 20.67 -6.49 1.48
C PRO A 45 19.47 -7.45 1.66
N VAL A 46 19.72 -8.71 1.33
CA VAL A 46 18.78 -9.86 1.49
C VAL A 46 18.19 -9.84 2.90
N ASP A 47 16.89 -10.11 3.03
CA ASP A 47 16.18 -10.30 4.33
C ASP A 47 16.17 -9.00 5.14
N THR A 48 16.34 -7.85 4.50
CA THR A 48 16.25 -6.53 5.15
C THR A 48 14.78 -6.21 5.38
N GLY A 49 13.94 -6.48 4.38
CA GLY A 49 12.56 -5.97 4.29
C GLY A 49 12.56 -4.51 3.85
N ILE A 50 11.41 -3.85 3.99
CA ILE A 50 11.23 -2.39 3.72
C ILE A 50 11.38 -1.64 5.06
N VAL A 51 12.40 -0.81 5.16
CA VAL A 51 12.74 -0.03 6.39
C VAL A 51 12.61 1.46 6.05
N PHE A 52 11.73 2.16 6.75
CA PHE A 52 11.53 3.63 6.60
C PHE A 52 12.57 4.30 7.49
N SER A 53 13.03 5.48 7.10
CA SER A 53 14.16 6.14 7.78
C SER A 53 13.91 7.64 7.83
N ARG A 54 13.73 8.19 9.02
CA ARG A 54 13.54 9.64 9.19
C ARG A 54 14.95 10.26 9.27
N THR A 55 15.48 10.73 8.14
CA THR A 55 16.86 11.26 8.00
C THR A 55 16.92 12.75 8.39
N ASP A 56 15.80 13.39 8.70
CA ASP A 56 15.76 14.79 9.20
C ASP A 56 16.10 14.82 10.70
N LEU A 57 16.16 13.66 11.38
CA LEU A 57 16.42 13.57 12.83
C LEU A 57 17.87 13.14 13.07
N ASP A 58 18.41 13.56 14.22
CA ASP A 58 19.79 13.23 14.68
C ASP A 58 19.70 12.70 16.11
N PRO A 59 19.87 11.36 16.29
CA PRO A 59 20.20 10.46 15.18
C PRO A 59 18.98 10.09 14.33
N VAL A 60 19.28 9.50 13.19
CA VAL A 60 18.33 8.95 12.17
C VAL A 60 17.44 7.90 12.87
N VAL A 61 16.12 7.92 12.63
CA VAL A 61 15.15 6.94 13.24
C VAL A 61 14.59 6.01 12.14
N GLU A 62 14.88 4.71 12.24
CA GLU A 62 14.50 3.65 11.27
C GLU A 62 13.32 2.84 11.83
N ILE A 63 12.31 2.58 11.00
CA ILE A 63 11.07 1.86 11.40
C ILE A 63 10.78 0.84 10.30
N PRO A 64 11.07 -0.46 10.54
CA PRO A 64 10.64 -1.54 9.66
C PRO A 64 9.14 -1.40 9.36
N ALA A 65 8.76 -1.57 8.10
CA ALA A 65 7.35 -1.44 7.64
C ALA A 65 6.67 -2.77 7.97
N ARG A 66 6.41 -3.01 9.26
CA ARG A 66 5.83 -4.28 9.78
C ARG A 66 4.61 -3.97 10.65
N ALA A 67 3.68 -4.93 10.71
CA ALA A 67 2.37 -4.79 11.40
C ALA A 67 2.61 -4.31 12.83
N GLU A 68 3.63 -4.85 13.50
CA GLU A 68 4.00 -4.52 14.90
C GLU A 68 4.33 -3.02 15.07
N ASN A 69 4.60 -2.27 14.01
CA ASN A 69 5.06 -0.86 14.13
C ASN A 69 3.91 0.07 13.74
N VAL A 70 2.73 -0.47 13.46
CA VAL A 70 1.60 0.37 12.96
C VAL A 70 1.07 1.21 14.13
N GLY A 71 0.94 2.52 13.94
CA GLY A 71 0.43 3.44 14.99
C GLY A 71 -1.08 3.49 14.97
N GLU A 72 -1.70 3.94 16.07
CA GLU A 72 -3.18 4.05 16.22
C GLU A 72 -3.59 5.45 15.74
N THR A 73 -3.62 5.67 14.42
CA THR A 73 -4.18 6.92 13.82
C THR A 73 -5.40 6.57 12.96
N THR A 74 -6.13 7.56 12.52
CA THR A 74 -7.42 7.34 11.83
C THR A 74 -7.30 7.78 10.37
N MET A 75 -6.23 8.46 9.98
CA MET A 75 -6.22 9.15 8.67
C MET A 75 -5.56 8.28 7.60
N SER A 76 -4.53 7.51 7.96
CA SER A 76 -3.81 6.66 6.99
C SER A 76 -3.00 5.63 7.76
N THR A 77 -2.26 4.76 7.08
CA THR A 77 -1.35 3.83 7.78
C THR A 77 -0.11 4.63 8.26
N THR A 78 0.12 4.65 9.57
CA THR A 78 1.27 5.32 10.21
C THR A 78 2.17 4.27 10.85
N LEU A 79 3.47 4.33 10.62
CA LEU A 79 4.49 3.55 11.37
C LEU A 79 5.00 4.44 12.48
N VAL A 80 5.30 3.86 13.64
N VAL A 80 5.26 3.85 13.65
CA VAL A 80 5.68 4.61 14.87
CA VAL A 80 5.67 4.58 14.90
C VAL A 80 6.80 3.86 15.60
C VAL A 80 6.85 3.84 15.54
N LYS A 81 7.75 4.60 16.16
CA LYS A 81 8.78 4.12 17.11
C LYS A 81 8.97 5.23 18.12
N GLY A 82 8.56 5.01 19.36
CA GLY A 82 8.44 6.09 20.36
C GLY A 82 7.41 7.10 19.91
N ASP A 83 7.70 8.40 20.02
CA ASP A 83 6.79 9.43 19.44
C ASP A 83 7.43 10.02 18.16
N VAL A 84 8.19 9.21 17.41
CA VAL A 84 8.54 9.43 15.98
C VAL A 84 7.57 8.65 15.10
N LYS A 85 7.06 9.27 14.04
CA LYS A 85 6.08 8.64 13.12
C LYS A 85 6.51 8.82 11.66
N VAL A 86 6.02 7.92 10.81
CA VAL A 86 6.01 8.03 9.32
C VAL A 86 4.57 7.82 8.89
N ASP A 87 3.90 8.87 8.40
CA ASP A 87 2.47 8.84 8.02
C ASP A 87 2.31 8.45 6.55
N THR A 88 1.19 7.79 6.25
CA THR A 88 0.69 7.56 4.86
C THR A 88 1.70 6.71 4.11
N VAL A 89 1.98 5.51 4.61
CA VAL A 89 2.97 4.58 3.98
C VAL A 89 2.31 3.72 2.90
N GLU A 90 0.98 3.67 2.84
CA GLU A 90 0.24 2.57 2.16
C GLU A 90 0.44 2.64 0.64
N HIS A 91 0.54 3.83 0.00
CA HIS A 91 0.64 3.91 -1.49
C HIS A 91 2.04 3.49 -1.92
N LEU A 92 3.06 3.92 -1.21
CA LEU A 92 4.44 3.52 -1.56
C LEU A 92 4.60 2.02 -1.33
N LEU A 93 4.15 1.49 -0.20
CA LEU A 93 4.28 0.04 0.15
C LEU A 93 3.50 -0.81 -0.88
N SER A 94 2.37 -0.28 -1.36
CA SER A 94 1.57 -0.84 -2.48
C SER A 94 2.47 -1.01 -3.72
N ALA A 95 3.23 0.01 -4.12
CA ALA A 95 4.13 -0.03 -5.31
C ALA A 95 5.23 -1.09 -5.10
N MET A 96 5.86 -1.08 -3.92
CA MET A 96 6.88 -2.09 -3.50
C MET A 96 6.31 -3.51 -3.62
N ALA A 97 5.13 -3.72 -3.07
CA ALA A 97 4.40 -5.01 -3.09
C ALA A 97 4.11 -5.40 -4.55
N GLY A 98 3.56 -4.45 -5.32
CA GLY A 98 3.20 -4.66 -6.73
C GLY A 98 4.37 -5.13 -7.58
N LEU A 99 5.56 -4.57 -7.39
CA LEU A 99 6.75 -4.90 -8.24
C LEU A 99 7.59 -6.01 -7.61
N GLY A 100 7.16 -6.52 -6.45
CA GLY A 100 7.85 -7.61 -5.75
C GLY A 100 9.18 -7.18 -5.15
N ILE A 101 9.27 -5.96 -4.61
CA ILE A 101 10.49 -5.50 -3.88
C ILE A 101 10.46 -6.00 -2.42
N ASP A 102 11.42 -6.84 -2.07
CA ASP A 102 11.61 -7.44 -0.72
C ASP A 102 12.40 -6.47 0.15
N ASN A 103 13.46 -5.89 -0.41
CA ASN A 103 14.52 -5.21 0.37
C ASN A 103 14.73 -3.79 -0.19
N ALA A 104 14.62 -2.79 0.69
CA ALA A 104 14.80 -1.37 0.34
C ALA A 104 14.78 -0.51 1.62
N TYR A 105 15.64 0.51 1.65
CA TYR A 105 15.63 1.64 2.60
C TYR A 105 14.87 2.80 1.95
N VAL A 106 13.81 3.27 2.62
CA VAL A 106 12.99 4.45 2.24
C VAL A 106 13.37 5.61 3.18
N GLU A 107 14.16 6.57 2.70
CA GLU A 107 14.57 7.75 3.50
C GLU A 107 13.59 8.90 3.25
N LEU A 108 13.15 9.57 4.31
CA LEU A 108 12.22 10.73 4.26
C LEU A 108 12.83 11.88 5.05
N SER A 109 12.76 13.11 4.50
CA SER A 109 13.21 14.37 5.16
C SER A 109 12.15 14.90 6.14
N ALA A 110 11.01 14.23 6.30
CA ALA A 110 9.86 14.71 7.10
C ALA A 110 8.92 13.55 7.43
N SER A 111 7.88 13.80 8.24
CA SER A 111 7.05 12.78 8.92
C SER A 111 6.14 12.04 7.93
N GLU A 112 5.85 12.59 6.75
CA GLU A 112 4.79 12.04 5.85
C GLU A 112 5.37 11.73 4.46
N VAL A 113 5.18 10.48 3.99
CA VAL A 113 5.44 10.06 2.59
C VAL A 113 4.75 11.06 1.67
N PRO A 114 5.39 11.55 0.59
CA PRO A 114 4.72 12.50 -0.31
C PRO A 114 3.55 11.82 -1.02
N ILE A 115 2.48 12.57 -1.24
CA ILE A 115 1.21 12.08 -1.85
C ILE A 115 1.37 11.93 -3.36
N MET A 116 2.26 12.68 -4.02
CA MET A 116 2.46 12.60 -5.52
C MET A 116 1.11 12.92 -6.18
N ASP A 117 0.59 12.10 -7.10
CA ASP A 117 -0.69 12.39 -7.81
C ASP A 117 -1.88 11.73 -7.07
N GLY A 118 -1.62 11.18 -5.87
CA GLY A 118 -2.62 10.46 -5.05
C GLY A 118 -2.68 8.96 -5.36
N SER A 119 -1.95 8.48 -6.37
CA SER A 119 -1.87 7.03 -6.72
C SER A 119 -0.47 6.46 -6.43
N ALA A 120 -0.22 5.23 -6.86
CA ALA A 120 1.09 4.55 -6.80
C ALA A 120 1.81 4.68 -8.16
N GLY A 121 1.16 5.29 -9.17
CA GLY A 121 1.69 5.38 -10.56
C GLY A 121 3.09 6.00 -10.57
N PRO A 122 3.26 7.17 -9.92
CA PRO A 122 4.55 7.84 -9.92
C PRO A 122 5.67 7.01 -9.27
N PHE A 123 5.41 6.39 -8.13
CA PHE A 123 6.32 5.43 -7.46
C PHE A 123 6.70 4.29 -8.43
N VAL A 124 5.72 3.66 -9.07
CA VAL A 124 6.02 2.47 -9.92
C VAL A 124 6.88 2.93 -11.11
N PHE A 125 6.55 4.07 -11.69
CA PHE A 125 7.37 4.67 -12.78
C PHE A 125 8.80 4.92 -12.29
N LEU A 126 8.98 5.61 -11.16
CA LEU A 126 10.33 5.95 -10.64
C LEU A 126 11.10 4.66 -10.39
N ILE A 127 10.47 3.65 -9.77
CA ILE A 127 11.15 2.38 -9.44
C ILE A 127 11.50 1.63 -10.73
N GLN A 128 10.59 1.58 -11.69
CA GLN A 128 10.81 0.78 -12.92
C GLN A 128 11.83 1.51 -13.80
N SER A 129 11.94 2.83 -13.71
CA SER A 129 12.97 3.66 -14.39
C SER A 129 14.36 3.25 -13.88
N ALA A 130 14.52 3.22 -12.56
CA ALA A 130 15.74 2.78 -11.85
C ALA A 130 16.02 1.29 -12.11
N GLY A 131 14.98 0.47 -12.26
CA GLY A 131 15.10 -0.98 -12.46
C GLY A 131 15.27 -1.73 -11.15
N LEU A 132 15.14 -3.07 -11.22
CA LEU A 132 15.20 -3.99 -10.06
C LEU A 132 16.39 -4.96 -10.18
N GLN A 133 16.79 -5.54 -9.06
CA GLN A 133 18.00 -6.39 -8.94
C GLN A 133 17.60 -7.68 -8.21
N GLU A 134 17.58 -8.79 -8.93
CA GLU A 134 17.45 -10.14 -8.33
C GLU A 134 18.65 -10.34 -7.38
N GLN A 135 18.43 -10.89 -6.18
CA GLN A 135 19.50 -11.18 -5.18
C GLN A 135 19.59 -12.69 -4.99
N GLU A 136 20.74 -13.18 -4.55
CA GLU A 136 21.03 -14.63 -4.48
C GLU A 136 20.43 -15.20 -3.19
N ALA A 137 19.11 -15.13 -3.04
CA ALA A 137 18.37 -15.74 -1.93
C ALA A 137 16.91 -15.90 -2.32
N ALA A 138 16.29 -16.95 -1.81
CA ALA A 138 14.92 -17.38 -2.11
C ALA A 138 13.97 -16.31 -1.58
N LYS A 139 13.01 -15.87 -2.40
CA LYS A 139 11.91 -14.99 -1.97
C LYS A 139 11.02 -15.82 -1.04
N LYS A 140 10.76 -15.30 0.15
CA LYS A 140 9.83 -15.91 1.14
C LYS A 140 8.42 -15.35 0.94
N PHE A 141 7.43 -16.24 1.03
CA PHE A 141 6.00 -15.96 0.84
C PHE A 141 5.26 -16.37 2.12
N ILE A 142 4.23 -15.62 2.50
CA ILE A 142 3.25 -16.03 3.54
C ILE A 142 2.10 -16.73 2.80
N ARG A 143 1.93 -18.04 2.96
CA ARG A 143 0.80 -18.81 2.38
C ARG A 143 -0.32 -18.88 3.42
N ILE A 144 -1.52 -18.42 3.06
CA ILE A 144 -2.79 -18.56 3.82
C ILE A 144 -3.25 -20.02 3.74
N LYS A 145 -3.36 -20.71 4.88
CA LYS A 145 -3.78 -22.14 5.01
C LYS A 145 -5.23 -22.26 5.52
N ARG A 146 -5.72 -21.28 6.29
CA ARG A 146 -7.12 -21.27 6.81
C ARG A 146 -7.75 -19.90 6.55
N GLU A 147 -9.08 -19.86 6.49
CA GLU A 147 -9.83 -18.57 6.44
C GLU A 147 -9.59 -17.81 7.76
N VAL A 148 -9.21 -16.54 7.70
CA VAL A 148 -9.13 -15.65 8.90
C VAL A 148 -9.95 -14.42 8.56
N SER A 149 -10.95 -14.08 9.34
CA SER A 149 -11.81 -12.91 9.07
C SER A 149 -11.82 -11.99 10.28
N VAL A 150 -12.10 -10.70 10.08
CA VAL A 150 -12.42 -9.75 11.18
C VAL A 150 -13.62 -8.93 10.74
N GLU A 151 -14.45 -8.59 11.71
CA GLU A 151 -15.69 -7.77 11.56
C GLU A 151 -15.64 -6.65 12.59
N GLU A 152 -16.19 -5.49 12.25
CA GLU A 152 -16.55 -4.43 13.22
C GLU A 152 -17.69 -3.64 12.58
N GLY A 153 -18.90 -3.81 13.11
CA GLY A 153 -20.17 -3.43 12.45
C GLY A 153 -20.33 -4.19 11.15
N ASP A 154 -20.79 -3.49 10.10
CA ASP A 154 -21.08 -4.05 8.75
C ASP A 154 -19.80 -4.22 7.93
N LYS A 155 -18.65 -3.73 8.42
CA LYS A 155 -17.33 -3.84 7.75
C LYS A 155 -16.77 -5.25 7.95
N ARG A 156 -16.19 -5.84 6.90
CA ARG A 156 -15.48 -7.14 6.99
C ARG A 156 -14.18 -7.07 6.19
N ALA A 157 -13.16 -7.81 6.66
CA ALA A 157 -11.94 -8.10 5.90
C ALA A 157 -11.58 -9.57 6.13
N VAL A 158 -11.26 -10.32 5.06
CA VAL A 158 -11.02 -11.80 5.15
C VAL A 158 -9.72 -12.14 4.43
N PHE A 159 -9.01 -13.14 4.93
CA PHE A 159 -8.00 -13.92 4.18
C PHE A 159 -8.57 -15.31 3.89
N VAL A 160 -8.54 -15.72 2.62
CA VAL A 160 -9.02 -17.04 2.13
C VAL A 160 -7.83 -17.72 1.46
N PRO A 161 -7.59 -19.03 1.70
CA PRO A 161 -6.62 -19.77 0.90
C PRO A 161 -6.92 -19.64 -0.60
N PHE A 162 -5.86 -19.53 -1.41
CA PHE A 162 -5.94 -19.32 -2.86
C PHE A 162 -4.54 -19.56 -3.45
N ASP A 163 -4.45 -20.43 -4.46
CA ASP A 163 -3.20 -20.79 -5.15
C ASP A 163 -2.85 -19.65 -6.13
N GLY A 164 -2.37 -18.54 -5.57
CA GLY A 164 -2.05 -17.30 -6.30
C GLY A 164 -2.12 -16.12 -5.37
N PHE A 165 -2.44 -14.95 -5.89
CA PHE A 165 -2.68 -13.76 -5.05
C PHE A 165 -3.76 -12.96 -5.74
N LYS A 166 -4.87 -12.75 -5.03
CA LYS A 166 -6.04 -12.03 -5.55
C LYS A 166 -6.64 -11.17 -4.43
N VAL A 167 -7.13 -10.00 -4.81
CA VAL A 167 -7.83 -9.06 -3.91
C VAL A 167 -9.20 -8.80 -4.52
N SER A 168 -10.27 -8.98 -3.73
CA SER A 168 -11.66 -8.64 -4.08
C SER A 168 -12.04 -7.52 -3.14
N PHE A 169 -12.72 -6.49 -3.61
CA PHE A 169 -13.14 -5.38 -2.71
C PHE A 169 -14.55 -4.90 -3.08
N GLU A 170 -15.31 -4.53 -2.05
CA GLU A 170 -16.63 -3.88 -2.23
C GLU A 170 -16.71 -2.67 -1.31
N ILE A 171 -17.08 -1.53 -1.86
CA ILE A 171 -17.52 -0.35 -1.07
C ILE A 171 -19.00 -0.11 -1.38
N ASP A 172 -19.70 0.64 -0.54
CA ASP A 172 -21.15 0.91 -0.72
C ASP A 172 -21.47 2.30 -0.14
N PHE A 173 -21.12 3.35 -0.88
CA PHE A 173 -21.49 4.76 -0.55
C PHE A 173 -22.87 5.04 -1.18
N ASP A 174 -23.79 5.57 -0.39
CA ASP A 174 -25.10 6.11 -0.87
C ASP A 174 -24.81 7.54 -1.35
N HIS A 175 -24.34 7.67 -2.60
CA HIS A 175 -23.82 8.94 -3.17
C HIS A 175 -23.98 8.89 -4.70
N PRO A 176 -24.45 9.98 -5.32
CA PRO A 176 -24.79 10.00 -6.74
C PRO A 176 -23.63 9.64 -7.68
N VAL A 177 -22.41 9.79 -7.20
CA VAL A 177 -21.16 9.53 -7.98
C VAL A 177 -20.91 8.02 -8.07
N PHE A 178 -21.46 7.23 -7.13
CA PHE A 178 -21.24 5.76 -6.98
C PHE A 178 -22.52 5.00 -7.38
N ARG A 181 -21.45 4.11 -10.99
CA ARG A 181 -20.10 3.47 -10.99
C ARG A 181 -20.20 2.07 -10.35
N THR A 182 -19.29 1.14 -10.67
CA THR A 182 -19.16 -0.17 -9.94
C THR A 182 -18.37 0.06 -8.66
N GLN A 183 -18.90 -0.42 -7.54
CA GLN A 183 -18.27 -0.34 -6.21
C GLN A 183 -17.71 -1.71 -5.83
N GLN A 184 -17.55 -2.61 -6.79
CA GLN A 184 -17.04 -3.99 -6.61
C GLN A 184 -15.99 -4.26 -7.70
N ALA A 185 -14.87 -4.89 -7.33
CA ALA A 185 -13.81 -5.31 -8.26
C ALA A 185 -13.04 -6.48 -7.63
N SER A 186 -12.61 -7.43 -8.46
CA SER A 186 -11.66 -8.52 -8.12
C SER A 186 -10.52 -8.51 -9.12
N VAL A 187 -9.30 -8.72 -8.64
CA VAL A 187 -8.11 -8.78 -9.52
C VAL A 187 -7.30 -9.99 -9.08
N ASP A 188 -6.96 -10.88 -10.01
CA ASP A 188 -6.01 -11.99 -9.79
C ASP A 188 -4.66 -11.52 -10.32
N PHE A 189 -3.71 -11.27 -9.45
CA PHE A 189 -2.43 -10.65 -9.83
C PHE A 189 -1.50 -11.69 -10.46
N SER A 190 -1.79 -12.99 -10.30
CA SER A 190 -1.04 -14.10 -10.95
C SER A 190 -1.23 -14.03 -12.48
N SER A 191 -2.27 -13.34 -12.97
CA SER A 191 -2.63 -13.26 -14.41
C SER A 191 -2.88 -11.80 -14.88
N THR A 192 -2.63 -10.79 -14.04
CA THR A 192 -2.95 -9.35 -14.31
C THR A 192 -1.88 -8.45 -13.67
N SER A 193 -1.54 -7.33 -14.30
CA SER A 193 -0.50 -6.36 -13.82
C SER A 193 -1.08 -5.59 -12.62
N PHE A 194 -0.37 -5.51 -11.50
CA PHE A 194 -0.62 -4.43 -10.52
C PHE A 194 -0.50 -3.07 -11.24
N VAL A 195 0.54 -2.94 -12.06
CA VAL A 195 0.86 -1.68 -12.78
C VAL A 195 -0.38 -1.23 -13.56
N LYS A 196 -0.90 -2.09 -14.44
CA LYS A 196 -1.91 -1.72 -15.47
C LYS A 196 -3.26 -1.44 -14.78
N GLU A 197 -3.62 -2.26 -13.80
CA GLU A 197 -5.01 -2.41 -13.30
C GLU A 197 -5.29 -1.42 -12.16
N VAL A 198 -4.33 -1.19 -11.27
CA VAL A 198 -4.58 -0.58 -9.94
C VAL A 198 -3.65 0.61 -9.68
N SER A 199 -2.41 0.63 -10.21
CA SER A 199 -1.33 1.55 -9.75
C SER A 199 -1.77 3.01 -9.87
N ARG A 200 -2.51 3.36 -10.92
CA ARG A 200 -2.88 4.76 -11.27
C ARG A 200 -4.13 5.21 -10.52
N ALA A 201 -4.73 4.35 -9.69
CA ALA A 201 -6.01 4.62 -9.03
C ALA A 201 -5.78 5.57 -7.86
N ARG A 202 -6.38 6.77 -7.90
CA ARG A 202 -6.09 7.85 -6.91
C ARG A 202 -7.00 7.80 -5.68
N THR A 203 -6.47 8.22 -4.53
CA THR A 203 -7.28 8.51 -3.32
C THR A 203 -8.37 9.51 -3.71
N PHE A 204 -9.44 9.54 -2.92
CA PHE A 204 -10.64 10.38 -3.14
C PHE A 204 -11.07 10.97 -1.80
N GLY A 205 -11.61 12.18 -1.82
CA GLY A 205 -12.14 12.89 -0.65
C GLY A 205 -13.46 13.55 -1.00
N PHE A 206 -14.44 13.44 -0.13
CA PHE A 206 -15.75 14.15 -0.24
C PHE A 206 -15.58 15.56 0.32
N MET A 207 -16.19 16.54 -0.34
CA MET A 207 -16.15 17.97 0.03
C MET A 207 -16.40 18.16 1.54
N ARG A 208 -17.42 17.51 2.11
CA ARG A 208 -17.85 17.75 3.51
C ARG A 208 -16.82 17.16 4.50
N ASP A 209 -16.15 16.06 4.14
CA ASP A 209 -15.01 15.52 4.94
C ASP A 209 -13.81 16.47 4.85
N ILE A 210 -13.46 16.90 3.63
CA ILE A 210 -12.30 17.80 3.36
C ILE A 210 -12.45 19.09 4.17
N GLU A 211 -13.65 19.68 4.18
CA GLU A 211 -13.99 20.91 4.94
C GLU A 211 -13.72 20.65 6.42
N TYR A 212 -14.23 19.54 6.96
CA TYR A 212 -14.02 19.18 8.39
C TYR A 212 -12.51 19.03 8.68
N LEU A 213 -11.80 18.22 7.88
CA LEU A 213 -10.36 17.92 8.09
C LEU A 213 -9.53 19.20 8.01
N ARG A 214 -9.85 20.10 7.07
CA ARG A 214 -9.23 21.46 6.93
C ARG A 214 -9.45 22.29 8.21
N SER A 215 -10.65 22.22 8.78
CA SER A 215 -11.06 22.92 10.04
C SER A 215 -10.27 22.34 11.23
N GLN A 216 -9.65 21.17 11.06
CA GLN A 216 -8.87 20.47 12.10
C GLN A 216 -7.38 20.51 11.75
N ASN A 217 -6.98 21.37 10.81
CA ASN A 217 -5.59 21.47 10.27
C ASN A 217 -5.08 20.09 9.83
N LEU A 218 -5.92 19.32 9.15
CA LEU A 218 -5.51 18.13 8.36
C LEU A 218 -5.79 18.43 6.89
N ALA A 219 -5.39 17.53 5.98
CA ALA A 219 -5.55 17.67 4.51
C ALA A 219 -4.78 18.87 3.99
N LEU A 220 -3.70 19.27 4.66
CA LEU A 220 -3.00 20.55 4.36
C LEU A 220 -2.35 20.49 2.99
N GLY A 221 -1.93 19.30 2.53
CA GLY A 221 -1.30 19.12 1.21
C GLY A 221 -2.29 18.80 0.10
N GLY A 222 -3.55 18.50 0.43
CA GLY A 222 -4.55 18.03 -0.55
C GLY A 222 -4.87 19.07 -1.63
N SER A 223 -5.02 18.61 -2.88
CA SER A 223 -5.46 19.41 -4.06
C SER A 223 -6.03 18.47 -5.13
N VAL A 224 -6.67 19.04 -6.16
CA VAL A 224 -7.16 18.29 -7.35
C VAL A 224 -5.98 17.55 -7.99
N GLU A 225 -4.74 17.95 -7.69
CA GLU A 225 -3.52 17.38 -8.30
C GLU A 225 -3.21 16.02 -7.67
N ASN A 226 -3.68 15.76 -6.46
CA ASN A 226 -3.27 14.53 -5.72
C ASN A 226 -4.48 13.80 -5.13
N ALA A 227 -5.71 14.14 -5.55
CA ALA A 227 -6.95 13.53 -5.02
C ALA A 227 -8.15 13.77 -5.95
N ILE A 228 -9.00 12.75 -6.10
CA ILE A 228 -10.34 12.91 -6.73
C ILE A 228 -11.18 13.69 -5.71
N VAL A 229 -11.62 14.91 -6.04
CA VAL A 229 -12.49 15.70 -5.13
C VAL A 229 -13.95 15.51 -5.55
N VAL A 230 -14.76 14.97 -4.64
CA VAL A 230 -16.19 14.60 -4.90
C VAL A 230 -17.06 15.55 -4.08
N ASP A 231 -17.83 16.42 -4.71
CA ASP A 231 -18.87 17.17 -3.97
C ASP A 231 -20.10 16.27 -3.94
N GLU A 232 -21.21 16.85 -3.51
CA GLU A 232 -22.56 16.22 -3.39
C GLU A 232 -22.86 15.31 -4.60
N ASN A 233 -22.52 15.75 -5.80
CA ASN A 233 -23.05 15.18 -7.07
C ASN A 233 -21.97 14.62 -7.99
N ARG A 234 -20.77 15.23 -8.06
CA ARG A 234 -19.82 14.92 -9.15
C ARG A 234 -18.36 15.12 -8.72
N VAL A 235 -17.46 14.49 -9.47
CA VAL A 235 -15.98 14.73 -9.41
C VAL A 235 -15.76 16.17 -9.85
N LEU A 236 -14.98 16.94 -9.10
CA LEU A 236 -14.69 18.36 -9.41
C LEU A 236 -13.41 18.44 -10.24
N ASN A 237 -12.55 17.41 -10.17
CA ASN A 237 -11.34 17.31 -11.02
C ASN A 237 -11.79 17.52 -12.47
N GLU A 238 -11.07 18.39 -13.18
CA GLU A 238 -11.41 18.90 -14.53
C GLU A 238 -11.33 17.76 -15.56
N ASP A 239 -10.43 16.81 -15.36
CA ASP A 239 -10.24 15.68 -16.31
C ASP A 239 -10.88 14.39 -15.77
N GLY A 240 -11.64 14.47 -14.67
CA GLY A 240 -12.47 13.35 -14.17
C GLY A 240 -11.64 12.14 -13.75
N LEU A 241 -12.11 10.93 -14.08
CA LEU A 241 -11.64 9.64 -13.53
C LEU A 241 -10.70 8.98 -14.53
N ARG A 242 -9.80 8.13 -14.05
CA ARG A 242 -8.83 7.40 -14.90
C ARG A 242 -9.43 6.06 -15.30
N TYR A 243 -10.36 5.54 -14.48
CA TYR A 243 -11.12 4.29 -14.69
C TYR A 243 -12.53 4.53 -14.17
N GLU A 244 -13.56 3.97 -14.82
CA GLU A 244 -14.97 3.99 -14.33
C GLU A 244 -14.99 3.55 -12.85
N ASP A 245 -14.16 2.56 -12.48
CA ASP A 245 -14.17 1.98 -11.11
C ASP A 245 -12.93 2.43 -10.29
N GLU A 246 -12.46 3.66 -10.46
CA GLU A 246 -11.22 4.18 -9.83
C GLU A 246 -11.32 4.11 -8.30
N PHE A 247 -12.48 4.44 -7.74
CA PHE A 247 -12.70 4.44 -6.27
C PHE A 247 -12.38 3.06 -5.66
N VAL A 248 -12.98 1.97 -6.16
CA VAL A 248 -12.77 0.62 -5.56
C VAL A 248 -11.38 0.09 -5.94
N LYS A 249 -10.86 0.49 -7.10
CA LYS A 249 -9.47 0.16 -7.53
C LYS A 249 -8.51 0.77 -6.50
N HIS A 250 -8.78 1.99 -6.05
CA HIS A 250 -7.89 2.66 -5.06
C HIS A 250 -7.93 1.92 -3.71
N LYS A 251 -9.10 1.44 -3.30
CA LYS A 251 -9.30 0.62 -2.08
C LYS A 251 -8.43 -0.64 -2.14
N ILE A 252 -8.31 -1.23 -3.33
CA ILE A 252 -7.47 -2.44 -3.57
C ILE A 252 -5.99 -2.05 -3.43
N LEU A 253 -5.65 -0.86 -3.96
CA LEU A 253 -4.26 -0.34 -3.87
C LEU A 253 -3.90 -0.21 -2.38
N ASP A 254 -4.78 0.40 -1.58
CA ASP A 254 -4.59 0.60 -0.11
C ASP A 254 -4.44 -0.76 0.57
N ALA A 255 -5.28 -1.73 0.22
CA ALA A 255 -5.22 -3.10 0.80
C ALA A 255 -3.85 -3.70 0.51
N ILE A 256 -3.36 -3.64 -0.74
CA ILE A 256 -2.09 -4.31 -1.15
C ILE A 256 -0.95 -3.70 -0.32
N GLY A 257 -0.98 -2.39 -0.10
CA GLY A 257 -0.03 -1.66 0.76
C GLY A 257 -0.07 -2.15 2.19
N ASP A 258 -1.26 -2.22 2.80
CA ASP A 258 -1.39 -2.68 4.21
C ASP A 258 -0.98 -4.15 4.30
N LEU A 259 -1.33 -4.97 3.31
CA LEU A 259 -1.02 -6.41 3.31
C LEU A 259 0.50 -6.59 3.37
N TYR A 260 1.28 -5.65 2.85
CA TYR A 260 2.75 -5.82 2.72
C TYR A 260 3.41 -5.55 4.08
N LEU A 261 2.65 -5.03 5.05
CA LEU A 261 3.12 -4.90 6.46
C LEU A 261 3.36 -6.30 7.06
N LEU A 262 2.90 -7.37 6.39
CA LEU A 262 3.31 -8.76 6.76
C LEU A 262 4.82 -8.95 6.53
N GLY A 263 5.43 -8.14 5.64
CA GLY A 263 6.88 -8.15 5.38
C GLY A 263 7.29 -9.18 4.32
N ASN A 264 6.33 -9.84 3.68
CA ASN A 264 6.50 -10.87 2.62
C ASN A 264 5.26 -10.90 1.72
N SER A 265 5.44 -11.16 0.42
CA SER A 265 4.34 -11.38 -0.57
C SER A 265 3.42 -12.49 -0.06
N LEU A 266 2.14 -12.33 -0.32
CA LEU A 266 1.06 -13.24 0.14
C LEU A 266 0.74 -14.27 -0.97
N ILE A 267 0.61 -15.55 -0.59
CA ILE A 267 -0.10 -16.58 -1.41
C ILE A 267 -1.47 -16.80 -0.76
N GLY A 268 -2.51 -16.19 -1.32
CA GLY A 268 -3.85 -16.22 -0.71
C GLY A 268 -4.75 -15.21 -1.39
N GLU A 269 -5.95 -15.06 -0.88
CA GLU A 269 -6.95 -14.09 -1.41
C GLU A 269 -7.34 -13.16 -0.27
N PHE A 270 -7.46 -11.86 -0.54
CA PHE A 270 -8.01 -10.90 0.43
C PHE A 270 -9.35 -10.38 -0.10
N ARG A 271 -10.33 -10.32 0.78
CA ARG A 271 -11.70 -9.83 0.50
C ARG A 271 -12.00 -8.69 1.46
N GLY A 272 -12.21 -7.47 0.95
CA GLY A 272 -12.60 -6.32 1.78
C GLY A 272 -14.05 -5.95 1.52
N PHE A 273 -14.83 -5.71 2.57
CA PHE A 273 -16.19 -5.13 2.46
C PHE A 273 -16.25 -3.87 3.32
N LYS A 274 -16.18 -2.70 2.68
CA LYS A 274 -16.18 -1.37 3.35
C LYS A 274 -14.99 -1.31 4.32
N SER A 275 -13.92 -2.08 4.08
CA SER A 275 -12.74 -2.12 4.97
C SER A 275 -11.87 -0.88 4.72
N GLY A 276 -10.98 -0.55 5.67
CA GLY A 276 -9.92 0.49 5.57
C GLY A 276 -8.76 0.08 6.46
N HIS A 277 -7.82 0.98 6.75
CA HIS A 277 -6.50 0.60 7.34
C HIS A 277 -6.66 0.03 8.76
N ALA A 278 -7.62 0.54 9.55
CA ALA A 278 -7.83 0.09 10.95
C ALA A 278 -8.18 -1.41 10.96
N LEU A 279 -9.17 -1.81 10.14
CA LEU A 279 -9.62 -3.22 10.03
C LEU A 279 -8.57 -4.06 9.29
N ASN A 280 -7.91 -3.53 8.26
CA ASN A 280 -6.78 -4.22 7.58
C ASN A 280 -5.73 -4.57 8.61
N ASN A 281 -5.38 -3.61 9.47
CA ASN A 281 -4.37 -3.82 10.54
C ASN A 281 -4.87 -4.89 11.52
N GLN A 282 -6.17 -4.87 11.86
CA GLN A 282 -6.79 -5.88 12.76
C GLN A 282 -6.64 -7.27 12.13
N LEU A 283 -6.93 -7.39 10.82
CA LEU A 283 -6.79 -8.68 10.09
C LEU A 283 -5.34 -9.17 10.20
N LEU A 284 -4.35 -8.31 9.91
CA LEU A 284 -2.93 -8.76 9.88
C LEU A 284 -2.55 -9.31 11.26
N ARG A 285 -2.89 -8.57 12.32
CA ARG A 285 -2.53 -8.91 13.73
C ARG A 285 -3.16 -10.24 14.13
N THR A 286 -4.43 -10.49 13.78
CA THR A 286 -5.08 -11.80 14.05
C THR A 286 -4.46 -12.90 13.19
N LEU A 287 -4.09 -12.60 11.93
CA LEU A 287 -3.45 -13.62 11.07
C LEU A 287 -2.12 -14.01 11.71
N ILE A 288 -1.31 -13.02 12.08
CA ILE A 288 0.06 -13.28 12.62
C ILE A 288 -0.10 -14.17 13.86
N ALA A 289 -1.07 -13.82 14.72
CA ALA A 289 -1.33 -14.51 16.01
C ALA A 289 -1.74 -15.97 15.76
N ASP A 290 -2.42 -16.28 14.65
CA ASP A 290 -2.97 -17.63 14.38
C ASP A 290 -2.03 -18.41 13.46
N LYS A 291 -0.97 -18.98 14.01
CA LYS A 291 0.08 -19.65 13.21
C LYS A 291 -0.45 -20.92 12.56
N ASP A 292 -1.65 -21.39 12.91
CA ASP A 292 -2.36 -22.50 12.21
C ASP A 292 -2.80 -22.07 10.80
N ALA A 293 -3.02 -20.78 10.59
CA ALA A 293 -3.70 -20.25 9.38
C ALA A 293 -2.68 -19.84 8.30
N TRP A 294 -1.39 -19.80 8.62
CA TRP A 294 -0.36 -19.36 7.64
C TRP A 294 0.96 -20.07 7.87
N GLU A 295 1.76 -20.19 6.82
CA GLU A 295 3.16 -20.67 6.87
C GLU A 295 4.01 -19.86 5.89
N VAL A 296 5.33 -19.95 6.05
CA VAL A 296 6.33 -19.31 5.15
C VAL A 296 6.79 -20.37 4.16
N VAL A 297 6.73 -20.09 2.86
CA VAL A 297 7.19 -21.02 1.78
C VAL A 297 8.11 -20.25 0.85
N THR A 298 9.05 -20.97 0.23
CA THR A 298 9.89 -20.54 -0.91
C THR A 298 9.57 -21.44 -2.11
N PHE A 299 10.08 -21.12 -3.28
CA PHE A 299 9.86 -21.88 -4.54
C PHE A 299 11.20 -22.04 -5.26
N GLU A 300 11.75 -23.26 -5.23
CA GLU A 300 13.03 -23.60 -5.91
C GLU A 300 12.80 -23.67 -7.43
N ASP A 301 11.54 -23.63 -7.92
CA ASP A 301 11.20 -23.70 -9.36
C ASP A 301 10.05 -22.72 -9.68
N ALA A 302 10.35 -21.59 -10.29
CA ALA A 302 9.34 -20.55 -10.65
C ALA A 302 8.30 -21.10 -11.63
N ARG A 303 8.59 -22.19 -12.35
CA ARG A 303 7.68 -22.73 -13.39
C ARG A 303 6.49 -23.41 -12.73
N THR A 304 6.62 -23.88 -11.49
CA THR A 304 5.55 -24.57 -10.74
C THR A 304 4.96 -23.65 -9.65
N ALA A 305 5.45 -22.41 -9.48
CA ALA A 305 4.92 -21.43 -8.50
C ALA A 305 3.57 -20.89 -8.93
N PRO A 306 2.66 -20.55 -8.00
CA PRO A 306 1.36 -20.00 -8.35
C PRO A 306 1.33 -18.50 -8.67
N ILE A 307 2.48 -17.82 -8.53
CA ILE A 307 2.67 -16.38 -8.90
C ILE A 307 3.95 -16.24 -9.72
N SER A 308 3.99 -15.23 -10.57
CA SER A 308 5.18 -14.80 -11.35
C SER A 308 5.35 -13.29 -11.23
N TYR A 309 6.55 -12.78 -11.52
CA TYR A 309 6.89 -11.34 -11.47
C TYR A 309 7.34 -10.88 -12.87
N MET A 310 7.23 -9.58 -13.13
CA MET A 310 7.79 -8.87 -14.32
C MET A 310 9.29 -9.12 -14.40
N ARG A 311 9.84 -9.32 -15.60
CA ARG A 311 11.29 -9.20 -15.85
C ARG A 311 11.81 -8.03 -14.99
N PRO A 312 12.96 -8.20 -14.30
CA PRO A 312 13.45 -7.17 -13.38
C PRO A 312 13.77 -5.85 -14.11
ZN ZN B . -5.05 5.45 -0.39
N1 99I C . -8.61 6.03 1.71
C2 99I C . -9.75 6.08 0.81
C4 99I C . -11.04 8.09 1.25
C6 99I C . -11.01 5.69 1.57
C7 99I C . -10.31 8.89 2.34
C9 99I C . -9.15 11.03 2.46
C3 99I C . -10.01 7.49 0.30
F1 99I C . -8.77 15.85 2.88
N5 99I C . -11.70 6.94 1.84
N8 99I C . -9.93 10.18 1.81
O10 99I C . -8.69 10.77 3.56
C11 99I C . -8.85 12.37 1.84
C12 99I C . -8.48 12.47 0.50
C13 99I C . -8.21 13.71 -0.08
C14 99I C . -8.28 14.87 0.68
C15 99I C . -8.67 14.75 2.11
C16 99I C . -8.94 13.50 2.64
C17 99I C . -12.84 7.05 2.54
O18 99I C . -13.38 6.09 3.06
C19 99I C . -13.45 8.41 2.70
C20 99I C . -14.96 8.43 2.85
C21 99I C . -14.07 8.72 4.05
C26 99I C . -7.36 6.16 1.26
O27 99I C . -7.09 6.35 0.09
C28 99I C . -6.28 6.08 2.31
N29 99I C . -4.95 6.13 1.67
C30 99I C . -4.53 7.53 1.63
C31 99I C . -5.50 8.35 2.48
C32 99I C . -6.36 7.31 3.20
F33 99I C . -6.30 9.12 1.68
C34 99I C . -8.05 16.02 0.13
C35 99I C . -7.96 17.18 -0.19
C36 99I C . -8.12 18.36 -0.66
C37 99I C . -8.12 19.45 0.21
C38 99I C . -8.30 20.74 -0.26
C39 99I C . -8.49 20.97 -1.62
C40 99I C . -8.50 19.89 -2.49
C41 99I C . -8.31 18.59 -2.02
C42 99I C . -8.68 22.37 -2.14
N43 99I C . -10.08 22.56 -2.57
C44 99I C . -10.15 23.57 -3.63
C45 99I C . -11.60 23.79 -4.06
O46 99I C . -12.37 24.19 -2.93
C47 99I C . -12.35 23.23 -1.90
C48 99I C . -10.90 23.00 -1.43
#